data_5FHE
#
_entry.id   5FHE
#
_cell.length_a   87.442
_cell.length_b   87.442
_cell.length_c   149.822
_cell.angle_alpha   90.00
_cell.angle_beta   90.00
_cell.angle_gamma   120.00
#
_symmetry.space_group_name_H-M   'P 31 2 1'
#
loop_
_entity.id
_entity.type
_entity.pdbx_description
1 polymer 'Uncharacterized protein'
2 polymer "DNA (5'-D(P*TP*TP*TP*TP*TP*TP*TP*TP*TP*T)-3')"
3 non-polymer "ADENOSINE-5'-DIPHOSPHATE"
4 non-polymer 'MAGNESIUM ION'
5 non-polymer 'TETRAFLUOROALUMINATE ION'
#
loop_
_entity_poly.entity_id
_entity_poly.type
_entity_poly.pdbx_seq_one_letter_code
_entity_poly.pdbx_strand_id
1 'polypeptide(L)'
;MEDMILTEEMQKIMNLIQDDENNVFVTGKAGSGKTTFLKYLIEKSGKNCIVAAPTGIAAINAGGVTLHSLFGIPFGPITP
YDRLENKFSEYKVELLLKMELLIIDEISMVRPDILDTIDRKLRWVYESDEPFGGVQVVMFGDLFQLPPVTKKQEREILSD
FYDGFFFFNALVFKRTGFHIVELTKIFRQTEPEFINVLNNIRNYQVTSDELDLLSELKDRKISSSYDNEYIHICTHKADV
EKINADKLGEQEIRNYDIVIKDKFPESSIPCDLHLKLRVGARVMSLVNDSLKGYYNGMLGIVTALEDNVITVRMDNGRTI
KFERYTWSNTQYTLKDNEIVKEEIGSCTQFPLTLAWAITIHKSQGLTFDKIIIHVSHTFCPGQLYVALSRCRTLEGIVSD
AFITKQMIIPEYALIDFERAYKSEGNYYGKRLD
;
A
2 'polydeoxyribonucleotide' (DT)(DT)(DT)(DT)(DT)(DT)(DT)(DT)(DT)(DT) C
#
# COMPACT_ATOMS: atom_id res chain seq x y z
N ASP A 3 4.79 0.45 -24.86
CA ASP A 3 4.46 1.59 -25.73
C ASP A 3 3.61 2.60 -24.96
N MET A 4 4.28 3.55 -24.30
CA MET A 4 3.64 4.44 -23.34
C MET A 4 3.63 5.88 -23.83
N ILE A 5 2.54 6.60 -23.50
CA ILE A 5 2.41 8.02 -23.78
C ILE A 5 3.05 8.82 -22.66
N LEU A 6 3.67 9.96 -23.00
CA LEU A 6 4.15 10.92 -22.02
C LEU A 6 3.32 12.19 -22.20
N THR A 7 2.33 12.37 -21.34
CA THR A 7 1.51 13.57 -21.32
C THR A 7 2.40 14.80 -21.20
N GLU A 8 1.90 15.94 -21.71
CA GLU A 8 2.64 17.18 -21.56
C GLU A 8 2.94 17.51 -20.11
N GLU A 9 2.08 17.10 -19.19
CA GLU A 9 2.33 17.32 -17.77
C GLU A 9 3.54 16.49 -17.34
N MET A 10 3.65 15.26 -17.86
CA MET A 10 4.74 14.38 -17.47
C MET A 10 6.10 15.01 -17.83
N GLN A 11 6.18 15.59 -19.02
CA GLN A 11 7.36 16.40 -19.35
C GLN A 11 7.57 17.57 -18.41
N LYS A 12 6.48 18.25 -18.02
CA LYS A 12 6.62 19.41 -17.13
C LYS A 12 7.23 19.05 -15.80
N ILE A 13 6.95 17.84 -15.28
CA ILE A 13 7.54 17.41 -14.02
C ILE A 13 9.06 17.32 -14.14
N MET A 14 9.53 16.48 -15.06
CA MET A 14 10.85 15.87 -14.98
C MET A 14 11.98 16.88 -14.75
N ASN A 15 11.94 18.02 -15.42
CA ASN A 15 13.01 18.97 -15.23
C ASN A 15 12.93 19.67 -13.88
N LEU A 16 11.76 19.67 -13.25
CA LEU A 16 11.65 20.20 -11.89
C LEU A 16 12.54 19.44 -10.91
N ILE A 17 12.97 18.24 -11.25
CA ILE A 17 13.71 17.37 -10.34
C ILE A 17 15.19 17.46 -10.63
N GLN A 18 15.56 17.67 -11.88
CA GLN A 18 16.96 17.87 -12.22
C GLN A 18 17.43 19.25 -11.76
N GLU A 21 17.28 21.20 -6.11
CA GLU A 21 16.92 19.82 -5.86
C GLU A 21 15.69 19.71 -4.97
N ASN A 22 14.72 20.57 -5.26
CA ASN A 22 13.41 20.58 -4.62
C ASN A 22 12.71 19.24 -4.67
N ASN A 23 11.79 19.01 -3.72
CA ASN A 23 10.98 17.82 -3.66
C ASN A 23 9.62 18.07 -4.31
N VAL A 24 8.97 16.99 -4.74
CA VAL A 24 7.73 17.11 -5.52
C VAL A 24 6.75 16.01 -5.13
N PHE A 25 5.47 16.40 -5.03
CA PHE A 25 4.36 15.48 -4.82
C PHE A 25 3.49 15.48 -6.07
N VAL A 26 3.41 14.33 -6.74
CA VAL A 26 2.63 14.17 -7.97
C VAL A 26 1.37 13.39 -7.65
N THR A 27 0.22 13.98 -7.96
CA THR A 27 -1.08 13.36 -7.72
C THR A 27 -1.93 13.44 -8.98
N GLY A 28 -3.10 12.81 -8.91
CA GLY A 28 -3.98 12.67 -10.04
C GLY A 28 -4.88 11.49 -9.87
N LYS A 29 -5.96 11.49 -10.66
CA LYS A 29 -7.03 10.51 -10.49
C LYS A 29 -6.51 9.08 -10.60
N ALA A 30 -7.29 8.14 -10.07
CA ALA A 30 -6.98 6.73 -10.23
C ALA A 30 -6.72 6.42 -11.69
N GLY A 31 -5.58 5.80 -11.96
CA GLY A 31 -5.23 5.47 -13.33
C GLY A 31 -4.89 6.65 -14.19
N SER A 32 -4.32 7.70 -13.62
CA SER A 32 -3.81 8.82 -14.40
C SER A 32 -2.40 8.57 -14.92
N GLY A 33 -1.80 7.45 -14.54
CA GLY A 33 -0.45 7.13 -14.94
C GLY A 33 0.62 7.48 -13.93
N LYS A 34 0.28 7.66 -12.66
CA LYS A 34 1.30 7.96 -11.66
C LYS A 34 2.29 6.81 -11.53
N THR A 35 1.79 5.61 -11.19
CA THR A 35 2.69 4.49 -10.91
C THR A 35 3.52 4.11 -12.14
N THR A 36 2.98 4.29 -13.36
CA THR A 36 3.80 3.97 -14.53
C THR A 36 4.81 5.08 -14.81
N PHE A 37 4.37 6.35 -14.76
CA PHE A 37 5.31 7.45 -14.94
C PHE A 37 6.45 7.37 -13.94
N LEU A 38 6.16 6.96 -12.71
CA LEU A 38 7.20 6.74 -11.71
C LEU A 38 8.24 5.76 -12.21
N LYS A 39 7.79 4.61 -12.73
CA LYS A 39 8.70 3.59 -13.21
C LYS A 39 9.59 4.13 -14.30
N TYR A 40 9.06 5.02 -15.15
CA TYR A 40 9.84 5.52 -16.26
C TYR A 40 10.93 6.48 -15.81
N LEU A 41 10.65 7.31 -14.78
CA LEU A 41 11.65 8.28 -14.29
C LEU A 41 12.84 7.60 -13.63
N ILE A 42 12.65 6.42 -13.01
CA ILE A 42 13.78 5.73 -12.40
C ILE A 42 14.88 5.49 -13.42
N GLU A 43 14.51 5.28 -14.69
CA GLU A 43 15.49 5.22 -15.77
C GLU A 43 16.02 6.62 -16.07
N LYS A 44 15.15 7.49 -16.58
CA LYS A 44 15.55 8.85 -16.97
C LYS A 44 15.80 9.78 -15.78
N SER A 45 16.50 9.29 -14.75
CA SER A 45 16.84 10.11 -13.59
C SER A 45 18.32 10.42 -13.49
N GLY A 46 19.19 9.49 -13.88
CA GLY A 46 20.60 9.62 -13.57
C GLY A 46 20.93 9.58 -12.10
N LYS A 47 19.94 9.32 -11.25
CA LYS A 47 20.07 9.24 -9.81
C LYS A 47 19.78 7.81 -9.37
N ASN A 48 20.47 7.38 -8.31
CA ASN A 48 20.17 6.08 -7.71
C ASN A 48 18.89 6.24 -6.89
N CYS A 49 17.81 5.61 -7.36
CA CYS A 49 16.50 5.76 -6.75
C CYS A 49 16.16 4.48 -6.00
N ILE A 50 15.62 4.62 -4.79
CA ILE A 50 15.12 3.50 -3.99
C ILE A 50 13.61 3.67 -3.83
N VAL A 51 12.86 2.58 -4.04
CA VAL A 51 11.40 2.63 -4.22
C VAL A 51 10.72 1.91 -3.06
N ALA A 52 9.78 2.59 -2.41
CA ALA A 52 9.06 1.97 -1.31
C ALA A 52 7.63 2.51 -1.31
N ALA A 53 6.75 1.80 -0.62
CA ALA A 53 5.33 2.11 -0.60
C ALA A 53 4.76 1.61 0.72
N PRO A 54 3.60 2.13 1.15
CA PRO A 54 3.10 1.80 2.49
C PRO A 54 2.67 0.35 2.64
N THR A 55 2.23 -0.29 1.55
CA THR A 55 1.77 -1.67 1.60
C THR A 55 2.44 -2.49 0.49
N GLY A 56 2.56 -3.79 0.74
CA GLY A 56 3.43 -4.63 -0.08
C GLY A 56 2.96 -4.73 -1.52
N ILE A 57 1.64 -4.84 -1.73
CA ILE A 57 1.11 -4.98 -3.08
C ILE A 57 1.43 -3.74 -3.91
N ALA A 58 1.09 -2.57 -3.38
CA ALA A 58 1.46 -1.32 -4.05
C ALA A 58 2.97 -1.25 -4.25
N ALA A 59 3.73 -1.71 -3.25
CA ALA A 59 5.19 -1.73 -3.36
C ALA A 59 5.63 -2.61 -4.53
N ILE A 60 5.18 -3.87 -4.55
CA ILE A 60 5.52 -4.75 -5.66
C ILE A 60 5.11 -4.10 -6.98
N ASN A 61 3.93 -3.49 -7.02
CA ASN A 61 3.46 -2.83 -8.24
C ASN A 61 4.42 -1.73 -8.67
N ALA A 62 5.13 -1.12 -7.72
CA ALA A 62 6.00 -0.01 -8.04
C ALA A 62 7.46 -0.40 -8.19
N GLY A 63 7.84 -1.63 -7.80
CA GLY A 63 9.21 -2.08 -7.91
C GLY A 63 9.90 -2.40 -6.60
N GLY A 64 9.57 -1.65 -5.56
CA GLY A 64 10.32 -1.73 -4.31
C GLY A 64 9.60 -2.47 -3.20
N VAL A 65 9.85 -2.03 -1.97
CA VAL A 65 9.53 -2.75 -0.75
C VAL A 65 8.64 -1.89 0.13
N THR A 66 8.09 -2.51 1.18
CA THR A 66 7.29 -1.73 2.12
C THR A 66 8.18 -0.72 2.84
N LEU A 67 7.55 0.34 3.35
CA LEU A 67 8.31 1.34 4.08
C LEU A 67 8.86 0.78 5.37
N HIS A 68 8.13 -0.13 6.01
CA HIS A 68 8.61 -0.72 7.27
C HIS A 68 9.80 -1.64 7.02
N SER A 69 9.75 -2.43 5.95
CA SER A 69 10.92 -3.19 5.55
C SER A 69 12.12 -2.29 5.37
N LEU A 70 11.98 -1.32 4.46
CA LEU A 70 13.07 -0.41 4.14
C LEU A 70 13.63 0.25 5.40
N PHE A 71 12.78 0.90 6.19
CA PHE A 71 13.38 1.70 7.24
C PHE A 71 13.36 1.02 8.61
N GLY A 72 13.15 -0.29 8.65
CA GLY A 72 13.04 -1.01 9.90
C GLY A 72 12.16 -0.27 10.89
N ILE A 73 10.91 -0.02 10.53
CA ILE A 73 10.01 0.80 11.33
C ILE A 73 9.03 -0.12 12.06
N PRO A 74 9.02 -0.13 13.39
CA PRO A 74 8.02 -0.94 14.11
C PRO A 74 6.62 -0.38 13.87
N PHE A 75 5.62 -1.18 14.25
CA PHE A 75 4.26 -0.93 13.81
C PHE A 75 3.70 0.36 14.39
N GLY A 76 3.90 0.57 15.69
CA GLY A 76 3.22 1.63 16.42
C GLY A 76 3.73 3.02 16.10
N PRO A 77 2.93 4.03 16.44
CA PRO A 77 3.34 5.41 16.19
C PRO A 77 4.59 5.78 16.97
N ILE A 78 5.29 6.79 16.45
CA ILE A 78 6.61 7.17 16.90
C ILE A 78 6.60 8.70 17.06
N THR A 79 6.77 9.15 18.29
CA THR A 79 6.72 10.57 18.59
C THR A 79 8.12 11.16 18.61
N PRO A 80 8.23 12.49 18.67
CA PRO A 80 9.55 13.09 18.87
C PRO A 80 10.26 12.62 20.12
N TYR A 81 9.51 12.24 21.16
CA TYR A 81 10.08 11.82 22.42
C TYR A 81 10.34 10.33 22.49
N ASP A 82 9.83 9.57 21.53
CA ASP A 82 10.06 8.14 21.47
C ASP A 82 11.44 7.84 20.93
N ARG A 83 12.09 6.82 21.47
CA ARG A 83 13.41 6.42 21.01
C ARG A 83 13.28 5.55 19.78
N LEU A 84 14.26 5.67 18.87
CA LEU A 84 14.34 4.79 17.71
C LEU A 84 14.60 3.36 18.15
N GLU A 85 13.71 2.45 17.73
CA GLU A 85 13.79 1.09 18.23
C GLU A 85 14.92 0.31 17.56
N ASN A 86 15.19 0.56 16.28
CA ASN A 86 16.01 -0.34 15.47
C ASN A 86 17.23 0.38 14.91
N LYS A 87 18.34 -0.34 14.84
CA LYS A 87 19.55 0.14 14.19
C LYS A 87 19.72 -0.52 12.83
N PHE A 88 20.44 0.17 11.95
CA PHE A 88 20.62 -0.30 10.59
C PHE A 88 21.86 -1.19 10.49
N SER A 89 21.74 -2.27 9.72
CA SER A 89 22.92 -3.03 9.35
C SER A 89 23.73 -2.23 8.33
N GLU A 90 24.99 -2.63 8.17
CA GLU A 90 25.86 -1.88 7.28
C GLU A 90 25.46 -2.01 5.82
N TYR A 91 24.73 -3.05 5.46
CA TYR A 91 24.19 -3.10 4.11
C TYR A 91 23.16 -2.00 3.92
N LYS A 92 22.18 -1.90 4.84
CA LYS A 92 21.10 -0.96 4.59
C LYS A 92 21.57 0.48 4.64
N VAL A 93 22.69 0.77 5.33
CA VAL A 93 23.23 2.11 5.18
C VAL A 93 23.85 2.28 3.80
N GLU A 94 24.69 1.33 3.35
CA GLU A 94 25.18 1.38 1.97
C GLU A 94 24.06 1.76 1.02
N LEU A 95 22.92 1.08 1.16
CA LEU A 95 21.77 1.33 0.30
C LEU A 95 21.32 2.77 0.39
N LEU A 96 21.40 3.37 1.57
CA LEU A 96 20.76 4.66 1.83
C LEU A 96 21.65 5.86 1.53
N LEU A 97 22.97 5.74 1.65
CA LEU A 97 23.83 6.86 1.26
C LEU A 97 24.09 6.87 -0.24
N LYS A 98 24.23 5.69 -0.84
CA LYS A 98 24.26 5.52 -2.29
C LYS A 98 22.96 6.00 -2.95
N MET A 99 21.84 5.91 -2.24
CA MET A 99 20.58 6.45 -2.74
C MET A 99 20.70 7.96 -2.95
N GLU A 100 20.28 8.41 -4.13
CA GLU A 100 20.24 9.83 -4.47
C GLU A 100 18.83 10.41 -4.44
N LEU A 101 17.83 9.61 -4.79
CA LEU A 101 16.45 10.04 -4.83
C LEU A 101 15.62 8.94 -4.17
N LEU A 102 14.72 9.31 -3.27
CA LEU A 102 13.79 8.36 -2.69
C LEU A 102 12.38 8.55 -3.21
N ILE A 103 11.75 7.46 -3.65
CA ILE A 103 10.34 7.45 -3.97
C ILE A 103 9.31 6.77 -3.11
N ILE A 104 8.06 7.22 -3.13
CA ILE A 104 7.04 6.71 -2.23
C ILE A 104 5.73 6.73 -3.01
N ASP A 105 5.25 5.56 -3.43
CA ASP A 105 3.98 5.47 -4.13
C ASP A 105 2.85 5.25 -3.13
N GLU A 106 1.64 5.60 -3.56
CA GLU A 106 0.45 5.59 -2.70
C GLU A 106 0.73 6.28 -1.38
N ILE A 107 1.32 7.48 -1.50
CA ILE A 107 1.71 8.29 -0.34
C ILE A 107 0.51 8.59 0.54
N SER A 108 -0.70 8.54 -0.02
CA SER A 108 -1.89 8.93 0.72
C SER A 108 -2.19 8.02 1.90
N MET A 109 -1.57 6.84 1.97
CA MET A 109 -1.82 5.95 3.09
C MET A 109 -0.69 5.95 4.11
N VAL A 110 0.15 6.98 4.09
CA VAL A 110 1.32 7.08 4.95
C VAL A 110 1.02 8.04 6.10
N ARG A 111 1.11 7.55 7.33
CA ARG A 111 0.93 8.37 8.51
C ARG A 111 1.94 9.51 8.55
N PRO A 112 1.59 10.65 9.14
CA PRO A 112 2.58 11.73 9.30
C PRO A 112 3.86 11.27 9.97
N ASP A 113 3.77 10.47 11.03
CA ASP A 113 4.97 10.13 11.81
C ASP A 113 5.90 9.20 11.06
N ILE A 114 5.39 8.41 10.11
CA ILE A 114 6.28 7.61 9.26
C ILE A 114 7.33 8.50 8.61
N LEU A 115 6.88 9.58 7.95
CA LEU A 115 7.80 10.48 7.29
C LEU A 115 8.81 11.07 8.28
N ASP A 116 8.34 11.48 9.46
CA ASP A 116 9.26 12.00 10.47
C ASP A 116 10.21 10.92 10.96
N THR A 117 9.71 9.69 11.14
CA THR A 117 10.61 8.58 11.44
C THR A 117 11.61 8.35 10.30
N ILE A 118 11.17 8.50 9.06
CA ILE A 118 12.09 8.40 7.94
C ILE A 118 13.03 9.61 7.93
N ASP A 119 12.50 10.78 8.27
CA ASP A 119 13.34 11.97 8.39
C ASP A 119 14.44 11.75 9.41
N ARG A 120 14.06 11.43 10.65
CA ARG A 120 15.02 11.22 11.72
C ARG A 120 16.06 10.16 11.33
N LYS A 121 15.58 9.00 10.88
CA LYS A 121 16.50 7.91 10.52
C LYS A 121 17.46 8.32 9.40
N LEU A 122 17.01 9.18 8.49
CA LEU A 122 17.91 9.59 7.41
C LEU A 122 18.88 10.66 7.86
N ARG A 123 18.43 11.63 8.65
CA ARG A 123 19.34 12.61 9.21
C ARG A 123 20.43 11.91 10.03
N TRP A 124 20.08 10.83 10.72
CA TRP A 124 21.04 10.12 11.55
C TRP A 124 22.13 9.46 10.70
N VAL A 125 21.76 8.81 9.59
CA VAL A 125 22.75 8.09 8.80
C VAL A 125 23.60 9.03 7.96
N TYR A 126 23.03 10.11 7.46
CA TYR A 126 23.79 11.11 6.71
C TYR A 126 24.51 12.08 7.63
N GLU A 127 24.40 11.90 8.95
CA GLU A 127 25.02 12.76 9.96
C GLU A 127 24.81 14.23 9.62
N SER A 128 23.56 14.61 9.40
CA SER A 128 23.24 15.98 9.02
C SER A 128 21.90 16.37 9.61
N ASP A 129 21.67 17.69 9.66
CA ASP A 129 20.38 18.25 10.04
C ASP A 129 19.57 18.64 8.83
N GLU A 130 20.11 18.45 7.64
CA GLU A 130 19.32 18.55 6.43
C GLU A 130 18.06 17.71 6.57
N PRO A 131 16.88 18.26 6.29
CA PRO A 131 15.69 17.43 6.25
C PRO A 131 15.92 16.22 5.36
N PHE A 132 15.55 15.04 5.88
CA PHE A 132 15.73 13.76 5.20
C PHE A 132 17.19 13.43 4.94
N GLY A 133 18.13 14.10 5.61
CA GLY A 133 19.51 13.94 5.24
C GLY A 133 19.85 14.53 3.89
N GLY A 134 19.09 15.52 3.44
CA GLY A 134 19.37 16.16 2.16
C GLY A 134 19.15 15.26 0.97
N VAL A 135 18.23 14.31 1.07
CA VAL A 135 17.94 13.36 0.00
C VAL A 135 16.71 13.85 -0.75
N GLN A 136 16.84 14.10 -2.05
CA GLN A 136 15.68 14.49 -2.82
C GLN A 136 14.66 13.36 -2.81
N VAL A 137 13.40 13.70 -2.61
CA VAL A 137 12.35 12.70 -2.49
C VAL A 137 11.10 13.17 -3.21
N VAL A 138 10.50 12.26 -3.98
CA VAL A 138 9.31 12.52 -4.80
C VAL A 138 8.21 11.57 -4.35
N MET A 139 7.00 12.09 -4.21
CA MET A 139 5.88 11.32 -3.68
C MET A 139 4.79 11.17 -4.73
N PHE A 140 4.25 9.94 -4.85
CA PHE A 140 3.15 9.62 -5.75
C PHE A 140 1.97 9.11 -4.95
N GLY A 141 0.77 9.44 -5.40
CA GLY A 141 -0.41 8.97 -4.72
C GLY A 141 -1.55 9.92 -4.98
N ASP A 142 -2.62 9.74 -4.21
CA ASP A 142 -3.80 10.57 -4.41
C ASP A 142 -4.59 10.66 -3.12
N LEU A 143 -4.80 11.89 -2.65
CA LEU A 143 -5.42 12.07 -1.34
C LEU A 143 -6.88 11.65 -1.34
N PHE A 144 -7.58 11.77 -2.46
CA PHE A 144 -9.00 11.43 -2.50
C PHE A 144 -9.23 9.95 -2.74
N GLN A 145 -8.23 9.11 -2.59
CA GLN A 145 -8.38 7.68 -2.39
C GLN A 145 -8.11 7.38 -0.91
N LEU A 146 -7.36 6.31 -0.56
CA LEU A 146 -7.48 5.91 0.84
C LEU A 146 -6.48 6.65 1.73
N PRO A 147 -6.92 7.03 2.92
CA PRO A 147 -6.03 7.64 3.90
C PRO A 147 -5.23 6.57 4.62
N PRO A 148 -4.27 6.94 5.45
CA PRO A 148 -3.57 5.93 6.25
C PRO A 148 -4.49 5.32 7.28
N VAL A 149 -4.38 4.01 7.47
CA VAL A 149 -5.14 3.40 8.56
C VAL A 149 -4.40 3.65 9.88
N THR A 150 -5.13 4.19 10.84
CA THR A 150 -4.71 4.37 12.21
C THR A 150 -5.88 3.93 13.06
N LYS A 151 -5.64 3.67 14.34
CA LYS A 151 -6.62 2.96 15.14
C LYS A 151 -7.07 3.78 16.36
N LYS A 152 -7.16 5.10 16.24
CA LYS A 152 -7.79 5.94 17.25
C LYS A 152 -6.96 6.05 18.53
N GLN A 153 -6.72 4.94 19.23
CA GLN A 153 -5.75 4.99 20.32
C GLN A 153 -4.42 5.50 19.81
N GLU A 154 -3.99 5.03 18.64
CA GLU A 154 -2.83 5.62 17.98
C GLU A 154 -3.10 7.07 17.59
N ARG A 155 -4.35 7.42 17.30
CA ARG A 155 -4.65 8.77 16.81
C ARG A 155 -4.45 9.82 17.88
N GLU A 156 -4.92 9.57 19.10
CA GLU A 156 -4.77 10.59 20.14
C GLU A 156 -3.31 10.76 20.53
N ILE A 157 -2.55 9.66 20.51
CA ILE A 157 -1.11 9.71 20.75
C ILE A 157 -0.42 10.72 19.85
N LEU A 158 -0.89 10.85 18.60
CA LEU A 158 -0.28 11.79 17.67
C LEU A 158 -1.02 13.11 17.57
N SER A 159 -2.23 13.22 18.14
CA SER A 159 -2.86 14.53 18.22
C SER A 159 -2.07 15.46 19.13
N ASP A 160 -1.32 14.88 20.07
CA ASP A 160 -0.42 15.65 20.92
C ASP A 160 0.71 16.30 20.13
N PHE A 161 0.99 15.83 18.91
CA PHE A 161 2.08 16.37 18.12
C PHE A 161 1.69 16.83 16.73
N TYR A 162 0.58 16.36 16.17
CA TYR A 162 0.26 16.60 14.77
C TYR A 162 -1.09 17.29 14.66
N ASP A 163 -1.15 18.32 13.82
CA ASP A 163 -2.41 19.00 13.55
C ASP A 163 -3.25 18.26 12.51
N GLY A 164 -2.87 17.04 12.15
CA GLY A 164 -3.62 16.27 11.18
C GLY A 164 -2.98 14.91 10.99
N PHE A 165 -3.74 14.01 10.38
CA PHE A 165 -3.33 12.60 10.28
C PHE A 165 -2.95 12.19 8.86
N PHE A 166 -2.68 13.16 8.00
CA PHE A 166 -2.29 12.91 6.62
C PHE A 166 -0.80 13.15 6.45
N PHE A 167 -0.26 12.65 5.33
CA PHE A 167 1.19 12.68 5.15
C PHE A 167 1.73 14.10 5.17
N PHE A 168 0.96 15.07 4.67
CA PHE A 168 1.46 16.44 4.65
C PHE A 168 1.47 17.10 6.03
N ASN A 169 0.85 16.48 7.04
CA ASN A 169 0.96 16.95 8.41
C ASN A 169 2.27 16.53 9.08
N ALA A 170 3.18 15.91 8.33
CA ALA A 170 4.48 15.57 8.88
C ALA A 170 5.18 16.83 9.36
N LEU A 171 5.83 16.73 10.51
CA LEU A 171 6.46 17.90 11.09
C LEU A 171 7.70 18.35 10.31
N VAL A 172 8.24 17.52 9.42
CA VAL A 172 9.42 17.96 8.69
C VAL A 172 9.08 18.93 7.58
N PHE A 173 7.80 19.05 7.24
CA PHE A 173 7.42 20.10 6.32
C PHE A 173 7.39 21.47 7.00
N LYS A 174 7.71 21.52 8.29
CA LYS A 174 8.08 22.77 8.94
C LYS A 174 9.52 23.15 8.67
N ARG A 175 10.32 22.25 8.08
CA ARG A 175 11.70 22.54 7.72
C ARG A 175 11.99 22.41 6.24
N THR A 176 11.06 21.87 5.43
CA THR A 176 11.20 21.80 3.98
C THR A 176 9.82 21.60 3.38
N GLY A 177 9.77 21.47 2.06
CA GLY A 177 8.50 21.42 1.37
C GLY A 177 8.60 20.81 -0.01
N PHE A 178 7.48 20.85 -0.74
CA PHE A 178 7.39 20.15 -2.01
C PHE A 178 6.47 20.87 -2.97
N HIS A 179 6.72 20.67 -4.26
CA HIS A 179 5.84 21.13 -5.32
C HIS A 179 4.75 20.10 -5.56
N ILE A 180 3.67 20.55 -6.21
CA ILE A 180 2.47 19.73 -6.39
C ILE A 180 2.00 19.86 -7.83
N VAL A 181 1.88 18.72 -8.50
CA VAL A 181 1.42 18.65 -9.89
C VAL A 181 0.28 17.66 -9.97
N GLU A 182 -0.70 17.95 -10.82
CA GLU A 182 -1.87 17.09 -10.98
C GLU A 182 -1.89 16.57 -12.41
N LEU A 183 -1.48 15.31 -12.60
CA LEU A 183 -1.72 14.63 -13.86
C LEU A 183 -3.22 14.56 -14.12
N THR A 184 -3.61 14.75 -15.38
CA THR A 184 -5.02 14.89 -15.71
C THR A 184 -5.55 13.95 -16.77
N LYS A 185 -4.72 13.08 -17.34
CA LYS A 185 -5.18 12.11 -18.32
C LYS A 185 -5.42 10.77 -17.64
N ILE A 186 -6.68 10.34 -17.60
CA ILE A 186 -7.01 9.02 -17.08
C ILE A 186 -6.80 8.02 -18.20
N PHE A 187 -5.87 7.09 -18.01
CA PHE A 187 -5.61 6.09 -19.04
C PHE A 187 -6.46 4.85 -18.82
N ARG A 188 -6.32 4.21 -17.65
CA ARG A 188 -6.86 2.89 -17.36
C ARG A 188 -8.28 2.65 -17.86
N GLN A 189 -9.16 3.64 -17.78
CA GLN A 189 -10.51 3.49 -18.30
C GLN A 189 -10.69 4.33 -19.57
N THR A 190 -11.63 3.91 -20.41
CA THR A 190 -11.83 4.53 -21.71
C THR A 190 -13.22 5.10 -21.91
N GLU A 191 -14.26 4.45 -21.43
CA GLU A 191 -15.61 4.98 -21.58
C GLU A 191 -15.76 6.21 -20.70
N PRO A 192 -16.13 7.36 -21.23
CA PRO A 192 -16.20 8.57 -20.41
C PRO A 192 -17.47 8.65 -19.58
N GLU A 193 -18.59 8.15 -20.13
CA GLU A 193 -19.83 7.98 -19.38
C GLU A 193 -19.47 7.33 -18.04
N PHE A 194 -18.59 6.34 -18.10
CA PHE A 194 -17.97 5.80 -16.89
C PHE A 194 -17.15 6.86 -16.18
N ILE A 195 -16.04 7.26 -16.80
CA ILE A 195 -15.04 8.14 -16.21
C ILE A 195 -15.70 9.32 -15.51
N ASN A 196 -16.71 9.90 -16.14
CA ASN A 196 -17.38 11.05 -15.51
C ASN A 196 -18.00 10.67 -14.18
N VAL A 197 -18.45 9.42 -14.03
CA VAL A 197 -19.13 9.04 -12.79
C VAL A 197 -18.12 8.87 -11.65
N LEU A 198 -16.89 8.44 -11.95
CA LEU A 198 -15.93 8.22 -10.87
C LEU A 198 -15.29 9.51 -10.41
N ASN A 199 -14.91 10.38 -11.36
CA ASN A 199 -14.43 11.70 -11.01
C ASN A 199 -15.37 12.40 -10.04
N ASN A 200 -16.67 12.08 -10.12
CA ASN A 200 -17.65 12.66 -9.22
C ASN A 200 -17.73 11.92 -7.89
N ILE A 201 -17.70 10.58 -7.91
CA ILE A 201 -17.57 9.83 -6.68
C ILE A 201 -16.30 10.23 -5.94
N ARG A 202 -15.26 10.53 -6.71
CA ARG A 202 -14.01 10.97 -6.14
C ARG A 202 -14.20 12.28 -5.37
N ASN A 203 -14.74 13.31 -6.01
CA ASN A 203 -14.79 14.65 -5.45
C ASN A 203 -16.09 14.92 -4.69
N TYR A 204 -16.83 13.86 -4.34
CA TYR A 204 -18.02 13.93 -3.49
C TYR A 204 -19.20 14.65 -4.14
N GLN A 205 -19.14 14.95 -5.44
CA GLN A 205 -20.16 15.78 -6.06
C GLN A 205 -21.09 14.98 -6.97
N VAL A 206 -21.20 13.67 -6.76
CA VAL A 206 -21.97 12.83 -7.67
C VAL A 206 -23.45 12.84 -7.29
N THR A 207 -24.31 12.68 -8.30
CA THR A 207 -25.76 12.65 -8.13
C THR A 207 -26.31 11.26 -8.40
N SER A 208 -27.47 10.98 -7.80
CA SER A 208 -28.12 9.68 -7.92
C SER A 208 -28.58 9.37 -9.33
N ASP A 209 -28.51 10.33 -10.27
CA ASP A 209 -28.78 10.03 -11.67
C ASP A 209 -27.54 9.45 -12.35
N GLU A 210 -26.37 9.99 -12.04
CA GLU A 210 -25.12 9.40 -12.51
C GLU A 210 -24.85 8.06 -11.83
N LEU A 211 -25.36 7.87 -10.62
CA LEU A 211 -25.22 6.57 -9.96
C LEU A 211 -26.06 5.50 -10.62
N ASP A 212 -26.99 5.87 -11.49
CA ASP A 212 -27.81 4.89 -12.17
C ASP A 212 -27.12 4.25 -13.35
N LEU A 213 -25.98 4.78 -13.80
CA LEU A 213 -25.15 4.00 -14.71
C LEU A 213 -24.65 2.76 -14.00
N LEU A 214 -24.26 2.90 -12.75
CA LEU A 214 -23.73 1.79 -11.99
C LEU A 214 -24.80 0.80 -11.54
N SER A 215 -25.99 0.85 -12.16
CA SER A 215 -27.03 -0.13 -11.85
C SER A 215 -26.67 -1.50 -12.40
N GLU A 216 -25.91 -1.57 -13.50
CA GLU A 216 -25.64 -2.85 -14.16
C GLU A 216 -24.90 -3.80 -13.24
N LEU A 217 -24.07 -3.29 -12.34
CA LEU A 217 -23.20 -4.13 -11.51
C LEU A 217 -24.00 -5.05 -10.59
N LYS A 218 -25.20 -4.66 -10.21
CA LYS A 218 -25.98 -5.46 -9.27
C LYS A 218 -26.42 -6.76 -9.94
N ASP A 219 -25.85 -7.88 -9.46
CA ASP A 219 -26.35 -9.23 -9.75
C ASP A 219 -26.10 -9.71 -11.18
N ARG A 220 -24.85 -9.85 -11.57
CA ARG A 220 -24.51 -10.39 -12.89
C ARG A 220 -23.84 -11.74 -12.77
N LYS A 221 -23.90 -12.50 -13.86
CA LYS A 221 -23.44 -13.88 -13.86
C LYS A 221 -21.91 -13.98 -13.81
N ILE A 222 -21.42 -15.00 -13.13
CA ILE A 222 -19.98 -15.20 -12.95
C ILE A 222 -19.44 -15.87 -14.21
N SER A 223 -18.74 -15.10 -15.04
CA SER A 223 -18.12 -15.61 -16.26
C SER A 223 -16.69 -16.09 -15.95
N SER A 224 -16.61 -17.10 -15.10
CA SER A 224 -15.31 -17.67 -14.72
C SER A 224 -15.31 -19.19 -14.81
N SER A 225 -14.22 -19.77 -15.29
CA SER A 225 -13.06 -19.01 -15.77
C SER A 225 -12.78 -19.31 -17.24
N ASN A 228 -9.61 -16.99 -17.60
CA ASN A 228 -9.94 -15.64 -17.14
C ASN A 228 -10.96 -15.66 -16.00
N GLU A 229 -10.49 -15.44 -14.77
CA GLU A 229 -11.31 -15.49 -13.56
C GLU A 229 -11.31 -14.13 -12.87
N TYR A 230 -12.24 -13.98 -11.92
CA TYR A 230 -12.48 -12.73 -11.20
C TYR A 230 -11.67 -12.63 -9.91
N ILE A 231 -11.34 -11.40 -9.52
CA ILE A 231 -10.75 -11.12 -8.22
C ILE A 231 -11.80 -10.47 -7.34
N HIS A 232 -11.82 -10.86 -6.07
CA HIS A 232 -12.75 -10.33 -5.08
C HIS A 232 -11.99 -9.32 -4.22
N ILE A 233 -12.44 -8.07 -4.19
CA ILE A 233 -11.86 -7.09 -3.28
C ILE A 233 -12.94 -6.62 -2.30
N CYS A 234 -12.62 -6.64 -1.02
CA CYS A 234 -13.59 -6.47 0.04
C CYS A 234 -13.23 -5.30 0.94
N THR A 235 -14.21 -4.93 1.77
CA THR A 235 -14.01 -3.93 2.80
C THR A 235 -13.34 -4.51 4.03
N HIS A 236 -13.82 -5.65 4.50
CA HIS A 236 -13.33 -6.26 5.73
C HIS A 236 -12.66 -7.61 5.45
N LYS A 237 -11.67 -7.95 6.27
CA LYS A 237 -11.05 -9.27 6.15
C LYS A 237 -12.03 -10.40 6.38
N ALA A 238 -13.04 -10.18 7.22
CA ALA A 238 -14.06 -11.21 7.43
C ALA A 238 -14.61 -11.69 6.10
N ASP A 239 -14.95 -10.75 5.22
CA ASP A 239 -15.37 -11.10 3.87
C ASP A 239 -14.22 -11.73 3.08
N VAL A 240 -12.98 -11.31 3.32
CA VAL A 240 -11.89 -11.93 2.58
C VAL A 240 -11.76 -13.39 2.95
N GLU A 241 -11.65 -13.70 4.25
CA GLU A 241 -11.39 -15.07 4.64
C GLU A 241 -12.51 -16.02 4.20
N LYS A 242 -13.76 -15.57 4.23
CA LYS A 242 -14.87 -16.43 3.81
C LYS A 242 -14.82 -16.71 2.32
N ILE A 243 -14.62 -15.66 1.50
CA ILE A 243 -14.58 -15.83 0.04
C ILE A 243 -13.58 -16.89 -0.36
N ASN A 244 -12.35 -16.84 0.22
CA ASN A 244 -11.32 -17.79 -0.23
C ASN A 244 -11.58 -19.17 0.32
N ALA A 245 -12.18 -19.27 1.52
CA ALA A 245 -12.64 -20.58 1.97
C ALA A 245 -13.78 -21.09 1.10
N ASP A 246 -14.57 -20.19 0.49
CA ASP A 246 -15.69 -20.61 -0.35
C ASP A 246 -15.20 -21.21 -1.66
N LYS A 247 -14.32 -20.50 -2.37
CA LYS A 247 -13.53 -21.12 -3.42
C LYS A 247 -12.63 -22.15 -2.73
N LEU A 248 -11.68 -22.74 -3.46
CA LEU A 248 -10.75 -23.65 -2.79
C LEU A 248 -11.47 -24.89 -2.27
N GLY A 249 -12.43 -24.69 -1.37
CA GLY A 249 -13.36 -25.73 -1.00
C GLY A 249 -12.86 -26.65 0.10
N GLU A 250 -13.66 -27.69 0.34
CA GLU A 250 -13.37 -28.65 1.40
C GLU A 250 -12.64 -29.89 0.90
N GLN A 251 -12.46 -30.05 -0.41
CA GLN A 251 -11.99 -31.30 -0.98
C GLN A 251 -10.58 -31.16 -1.55
N GLU A 252 -9.81 -32.25 -1.43
CA GLU A 252 -8.45 -32.34 -1.93
C GLU A 252 -7.51 -31.35 -1.27
N ILE A 253 -7.73 -31.08 0.00
CA ILE A 253 -7.05 -30.01 0.73
C ILE A 253 -5.82 -30.56 1.42
N ARG A 254 -4.80 -29.71 1.58
CA ARG A 254 -3.73 -29.96 2.53
C ARG A 254 -3.70 -28.83 3.55
N ASN A 255 -3.84 -29.20 4.81
CA ASN A 255 -3.69 -28.30 5.94
C ASN A 255 -2.25 -28.32 6.41
N TYR A 256 -1.70 -27.14 6.67
CA TYR A 256 -0.38 -26.96 7.27
C TYR A 256 -0.57 -26.14 8.54
N ASP A 257 -0.29 -26.74 9.70
CA ASP A 257 -0.52 -26.07 10.97
C ASP A 257 0.70 -25.23 11.38
N ILE A 258 0.40 -24.08 11.99
CA ILE A 258 1.42 -23.28 12.62
C ILE A 258 2.03 -24.07 13.77
N VAL A 259 3.32 -23.85 14.01
CA VAL A 259 3.98 -24.31 15.23
C VAL A 259 4.52 -23.08 15.96
N ILE A 260 4.20 -22.98 17.24
CA ILE A 260 4.47 -21.78 18.04
C ILE A 260 5.26 -22.23 19.25
N LYS A 261 6.52 -21.76 19.36
CA LYS A 261 7.43 -22.20 20.40
C LYS A 261 6.87 -21.94 21.80
N ASP A 262 6.72 -20.67 22.16
CA ASP A 262 6.36 -20.33 23.53
C ASP A 262 5.19 -19.35 23.58
N LYS A 263 5.49 -18.07 23.77
CA LYS A 263 4.48 -17.04 23.99
C LYS A 263 4.33 -16.19 22.73
N PHE A 264 3.12 -16.17 22.18
CA PHE A 264 2.81 -15.46 20.95
C PHE A 264 1.29 -15.42 20.80
N PRO A 265 0.62 -14.37 21.27
CA PRO A 265 -0.83 -14.37 21.31
C PRO A 265 -1.45 -14.35 19.92
N GLU A 266 -2.54 -15.10 19.76
CA GLU A 266 -3.25 -15.19 18.48
C GLU A 266 -3.67 -13.82 17.95
N SER A 267 -3.62 -12.78 18.77
CA SER A 267 -3.96 -11.45 18.28
C SER A 267 -2.99 -10.98 17.21
N SER A 268 -1.70 -11.24 17.39
CA SER A 268 -0.67 -10.66 16.55
C SER A 268 0.18 -11.71 15.82
N ILE A 269 -0.35 -12.91 15.60
CA ILE A 269 0.36 -13.86 14.74
C ILE A 269 0.22 -13.40 13.31
N PRO A 270 1.30 -13.02 12.64
CA PRO A 270 1.20 -12.32 11.36
C PRO A 270 0.88 -13.22 10.17
N CYS A 271 0.42 -14.46 10.39
CA CYS A 271 0.34 -15.44 9.34
C CYS A 271 -0.90 -16.31 9.55
N ASP A 272 -1.04 -17.32 8.70
CA ASP A 272 -2.15 -18.24 8.79
C ASP A 272 -1.88 -19.29 9.87
N LEU A 273 -2.85 -19.48 10.76
CA LEU A 273 -2.73 -20.53 11.78
C LEU A 273 -2.85 -21.91 11.14
N HIS A 274 -3.90 -22.12 10.37
CA HIS A 274 -4.12 -23.36 9.64
C HIS A 274 -4.22 -22.99 8.16
N LEU A 275 -3.07 -23.05 7.50
CA LEU A 275 -2.96 -22.72 6.08
C LEU A 275 -3.41 -23.92 5.26
N LYS A 276 -4.60 -23.84 4.67
CA LYS A 276 -5.18 -24.91 3.88
C LYS A 276 -5.07 -24.52 2.41
N LEU A 277 -4.49 -25.41 1.61
CA LEU A 277 -4.31 -25.13 0.19
C LEU A 277 -4.46 -26.40 -0.64
N ARG A 278 -4.85 -26.19 -1.91
CA ARG A 278 -4.94 -27.25 -2.90
C ARG A 278 -4.25 -26.76 -4.16
N VAL A 279 -3.89 -27.71 -5.03
CA VAL A 279 -3.28 -27.36 -6.31
C VAL A 279 -4.16 -26.36 -7.06
N GLY A 280 -3.53 -25.36 -7.66
CA GLY A 280 -4.23 -24.32 -8.37
C GLY A 280 -4.79 -23.21 -7.50
N ALA A 281 -4.53 -23.24 -6.20
CA ALA A 281 -4.95 -22.16 -5.31
C ALA A 281 -4.19 -20.87 -5.60
N ARG A 282 -4.91 -19.76 -5.51
CA ARG A 282 -4.34 -18.43 -5.70
C ARG A 282 -3.77 -17.92 -4.38
N VAL A 283 -2.49 -17.56 -4.38
CA VAL A 283 -1.80 -17.23 -3.13
C VAL A 283 -1.08 -15.89 -3.22
N MET A 284 -0.75 -15.37 -2.04
CA MET A 284 0.09 -14.19 -1.86
C MET A 284 1.18 -14.56 -0.87
N SER A 285 2.38 -14.03 -1.08
CA SER A 285 3.46 -14.26 -0.13
C SER A 285 3.53 -13.10 0.84
N LEU A 286 3.85 -13.40 2.11
CA LEU A 286 3.69 -12.42 3.17
C LEU A 286 4.98 -11.80 3.69
N VAL A 287 6.14 -12.38 3.39
CA VAL A 287 7.41 -11.85 3.86
C VAL A 287 8.31 -11.54 2.68
N ASN A 288 9.55 -11.12 2.96
CA ASN A 288 10.57 -10.94 1.94
C ASN A 288 11.65 -12.00 2.13
N ASP A 289 12.06 -12.62 1.03
CA ASP A 289 13.22 -13.52 1.01
C ASP A 289 13.98 -13.16 -0.26
N SER A 290 15.01 -12.33 -0.12
CA SER A 290 15.82 -11.92 -1.26
C SER A 290 16.43 -13.12 -1.97
N LEU A 291 16.96 -14.05 -1.18
CA LEU A 291 17.57 -15.26 -1.73
C LEU A 291 16.69 -15.87 -2.82
N LYS A 292 15.55 -16.39 -2.40
CA LYS A 292 14.61 -17.01 -3.34
C LYS A 292 14.04 -15.98 -4.28
N GLY A 293 13.96 -14.73 -3.83
CA GLY A 293 13.44 -13.66 -4.63
C GLY A 293 11.98 -13.31 -4.44
N TYR A 294 11.29 -13.86 -3.44
CA TYR A 294 9.92 -13.47 -3.21
C TYR A 294 9.86 -12.33 -2.19
N TYR A 295 8.94 -11.41 -2.44
CA TYR A 295 8.72 -10.24 -1.62
C TYR A 295 7.25 -10.23 -1.24
N ASN A 296 6.91 -9.43 -0.23
CA ASN A 296 5.56 -9.50 0.32
C ASN A 296 4.63 -8.65 -0.55
N GLY A 297 3.78 -9.33 -1.32
CA GLY A 297 2.78 -8.69 -2.15
C GLY A 297 2.58 -9.45 -3.44
N MET A 298 3.62 -10.16 -3.85
CA MET A 298 3.56 -10.91 -5.09
C MET A 298 2.51 -12.01 -4.99
N LEU A 299 1.92 -12.34 -6.13
CA LEU A 299 0.88 -13.35 -6.22
C LEU A 299 1.34 -14.48 -7.13
N GLY A 300 0.86 -15.68 -6.83
CA GLY A 300 1.25 -16.84 -7.59
C GLY A 300 0.16 -17.88 -7.73
N ILE A 301 0.54 -19.03 -8.28
CA ILE A 301 -0.33 -20.18 -8.45
C ILE A 301 0.41 -21.40 -7.94
N VAL A 302 -0.24 -22.16 -7.11
CA VAL A 302 0.39 -23.25 -6.40
C VAL A 302 0.35 -24.50 -7.27
N THR A 303 1.50 -25.17 -7.42
CA THR A 303 1.63 -26.27 -8.37
C THR A 303 2.07 -27.60 -7.76
N ALA A 304 2.61 -27.61 -6.54
CA ALA A 304 3.20 -28.84 -6.01
C ALA A 304 3.27 -28.71 -4.49
N LEU A 305 2.52 -29.55 -3.77
CA LEU A 305 2.45 -29.47 -2.32
C LEU A 305 2.99 -30.79 -1.74
N GLU A 306 4.16 -30.70 -1.15
CA GLU A 306 4.83 -31.80 -0.48
C GLU A 306 4.79 -31.53 1.02
N ASP A 307 5.28 -32.50 1.80
CA ASP A 307 5.15 -32.41 3.26
C ASP A 307 5.68 -31.09 3.80
N ASN A 308 6.77 -30.57 3.21
CA ASN A 308 7.47 -29.43 3.79
C ASN A 308 7.86 -28.34 2.80
N VAL A 309 7.57 -28.48 1.51
CA VAL A 309 7.87 -27.42 0.54
C VAL A 309 6.65 -27.21 -0.34
N ILE A 310 6.29 -25.95 -0.52
CA ILE A 310 5.18 -25.56 -1.40
C ILE A 310 5.76 -24.90 -2.64
N THR A 311 5.42 -25.42 -3.80
CA THR A 311 5.95 -24.93 -5.08
C THR A 311 4.88 -24.11 -5.78
N VAL A 312 5.16 -22.85 -6.08
CA VAL A 312 4.19 -21.95 -6.69
C VAL A 312 4.88 -21.17 -7.81
N ARG A 313 4.13 -20.91 -8.86
CA ARG A 313 4.62 -20.16 -10.00
C ARG A 313 3.99 -18.78 -9.93
N MET A 314 4.83 -17.76 -9.94
CA MET A 314 4.42 -16.39 -9.65
C MET A 314 3.75 -15.73 -10.84
N ASP A 315 3.01 -14.66 -10.57
CA ASP A 315 2.46 -13.83 -11.64
C ASP A 315 3.55 -13.35 -12.59
N ASN A 316 4.78 -13.16 -12.09
CA ASN A 316 5.85 -12.73 -12.97
C ASN A 316 6.43 -13.90 -13.76
N GLY A 317 6.39 -15.11 -13.22
CA GLY A 317 6.76 -16.26 -14.02
C GLY A 317 7.69 -17.29 -13.40
N ARG A 318 8.60 -16.85 -12.54
CA ARG A 318 9.60 -17.75 -11.97
C ARG A 318 9.00 -18.63 -10.88
N THR A 319 9.41 -19.89 -10.88
CA THR A 319 8.93 -20.84 -9.88
C THR A 319 9.67 -20.67 -8.57
N ILE A 320 8.94 -20.69 -7.46
CA ILE A 320 9.56 -20.61 -6.14
C ILE A 320 9.25 -21.89 -5.40
N LYS A 321 10.22 -22.37 -4.65
CA LYS A 321 10.01 -23.39 -3.63
C LYS A 321 9.99 -22.68 -2.27
N PHE A 322 8.80 -22.60 -1.66
CA PHE A 322 8.64 -21.98 -0.34
C PHE A 322 8.94 -22.94 0.80
N GLU A 323 10.01 -22.67 1.53
CA GLU A 323 10.09 -23.16 2.92
C GLU A 323 9.45 -22.32 3.99
N ARG A 324 9.25 -22.92 5.18
CA ARG A 324 8.47 -22.26 6.22
C ARG A 324 9.37 -21.11 6.66
N TYR A 325 8.75 -20.13 7.31
CA TYR A 325 9.41 -18.93 7.81
C TYR A 325 9.03 -18.76 9.27
N THR A 326 9.97 -18.24 10.07
CA THR A 326 9.82 -18.13 11.51
C THR A 326 9.68 -16.66 11.90
N TRP A 327 8.65 -16.35 12.69
CA TRP A 327 8.44 -15.02 13.25
C TRP A 327 8.78 -15.04 14.73
N SER A 328 9.43 -13.99 15.21
CA SER A 328 9.87 -13.88 16.60
C SER A 328 9.10 -12.79 17.33
N ASN A 329 8.59 -13.11 18.53
CA ASN A 329 7.84 -12.17 19.36
C ASN A 329 8.81 -11.46 20.31
N THR A 330 9.43 -10.40 19.82
CA THR A 330 10.36 -9.61 20.63
C THR A 330 9.56 -8.68 21.54
N GLN A 331 9.78 -8.80 22.85
CA GLN A 331 9.16 -7.93 23.84
C GLN A 331 10.23 -7.39 24.77
N TYR A 332 9.90 -6.31 25.48
CA TYR A 332 10.82 -5.64 26.38
C TYR A 332 10.71 -6.24 27.78
N THR A 333 11.86 -6.55 28.39
CA THR A 333 11.86 -7.24 29.67
C THR A 333 13.06 -6.81 30.51
N LEU A 334 13.05 -7.28 31.76
CA LEU A 334 14.03 -6.90 32.79
C LEU A 334 14.97 -8.08 33.03
N LYS A 335 16.27 -7.84 32.90
CA LYS A 335 17.27 -8.89 33.02
C LYS A 335 18.14 -8.61 34.23
N ASP A 336 19.46 -8.76 34.20
CA ASP A 336 20.31 -8.49 35.37
C ASP A 336 20.35 -6.99 35.64
N ASN A 337 19.19 -6.45 36.05
CA ASN A 337 18.98 -5.01 36.17
C ASN A 337 19.22 -4.31 34.83
N GLU A 338 18.86 -5.00 33.74
CA GLU A 338 18.91 -4.46 32.39
C GLU A 338 17.54 -4.60 31.74
N ILE A 339 17.12 -3.56 31.01
CA ILE A 339 15.90 -3.62 30.23
C ILE A 339 16.27 -3.95 28.79
N VAL A 340 15.68 -5.01 28.24
CA VAL A 340 16.20 -5.61 27.02
C VAL A 340 15.07 -6.33 26.30
N LYS A 341 15.07 -6.22 24.97
CA LYS A 341 14.15 -6.96 24.12
C LYS A 341 14.62 -8.40 24.02
N GLU A 342 13.90 -9.31 24.67
CA GLU A 342 14.19 -10.74 24.61
C GLU A 342 13.04 -11.43 23.87
N GLU A 343 13.39 -12.31 22.94
CA GLU A 343 12.37 -13.04 22.20
C GLU A 343 11.64 -13.99 23.14
N ILE A 344 10.34 -13.77 23.31
CA ILE A 344 9.55 -14.56 24.24
C ILE A 344 8.71 -15.61 23.52
N GLY A 345 8.94 -15.81 22.24
CA GLY A 345 8.17 -16.80 21.50
C GLY A 345 8.53 -16.77 20.03
N SER A 346 7.86 -17.66 19.29
CA SER A 346 8.09 -17.75 17.85
C SER A 346 6.99 -18.60 17.23
N CYS A 347 6.59 -18.26 16.00
CA CYS A 347 5.68 -19.07 15.19
C CYS A 347 6.34 -19.38 13.86
N THR A 348 5.83 -20.41 13.18
CA THR A 348 6.43 -20.89 11.93
C THR A 348 5.36 -21.46 11.02
N GLN A 349 4.98 -20.71 9.98
CA GLN A 349 4.15 -21.21 8.91
C GLN A 349 4.85 -20.89 7.59
N PHE A 350 4.34 -21.44 6.50
CA PHE A 350 4.74 -20.97 5.20
C PHE A 350 4.27 -19.53 5.01
N PRO A 351 5.07 -18.70 4.50
CA PRO A 351 4.71 -17.27 4.35
C PRO A 351 3.76 -17.02 3.19
N LEU A 352 2.62 -17.71 3.22
CA LEU A 352 1.65 -17.69 2.13
C LEU A 352 0.24 -17.54 2.70
N THR A 353 -0.64 -16.96 1.90
CA THR A 353 -2.06 -16.94 2.27
C THR A 353 -2.90 -16.86 1.00
N LEU A 354 -4.14 -17.34 1.11
CA LEU A 354 -5.04 -17.37 -0.05
C LEU A 354 -5.30 -15.97 -0.57
N ALA A 355 -5.42 -15.84 -1.89
CA ALA A 355 -5.57 -14.52 -2.49
C ALA A 355 -6.53 -14.53 -3.69
N TRP A 356 -7.64 -15.27 -3.58
CA TRP A 356 -8.76 -14.97 -4.47
C TRP A 356 -9.46 -13.69 -4.07
N ALA A 357 -9.36 -13.33 -2.78
CA ALA A 357 -9.96 -12.12 -2.23
C ALA A 357 -8.92 -11.36 -1.46
N ILE A 358 -8.93 -10.04 -1.62
CA ILE A 358 -8.03 -9.14 -0.90
C ILE A 358 -8.85 -7.95 -0.43
N THR A 359 -8.33 -7.23 0.55
CA THR A 359 -9.02 -6.02 0.97
C THR A 359 -8.88 -4.95 -0.11
N ILE A 360 -9.86 -4.04 -0.15
CA ILE A 360 -9.76 -2.86 -1.01
C ILE A 360 -8.46 -2.13 -0.73
N HIS A 361 -8.03 -2.12 0.54
CA HIS A 361 -6.77 -1.48 0.91
C HIS A 361 -5.59 -2.10 0.17
N LYS A 362 -5.53 -3.44 0.14
CA LYS A 362 -4.41 -4.07 -0.54
C LYS A 362 -4.48 -3.90 -2.05
N SER A 363 -5.65 -3.57 -2.58
CA SER A 363 -5.86 -3.46 -4.01
C SER A 363 -5.60 -2.07 -4.54
N GLN A 364 -5.21 -1.12 -3.70
CA GLN A 364 -5.01 0.24 -4.18
C GLN A 364 -3.68 0.32 -4.92
N GLY A 365 -3.73 0.83 -6.15
CA GLY A 365 -2.61 0.86 -7.05
C GLY A 365 -2.71 -0.13 -8.20
N LEU A 366 -3.51 -1.17 -8.03
CA LEU A 366 -3.58 -2.26 -8.99
C LEU A 366 -4.55 -1.96 -10.12
N THR A 367 -4.45 -2.75 -11.18
CA THR A 367 -5.28 -2.65 -12.38
C THR A 367 -5.91 -4.00 -12.66
N PHE A 368 -7.18 -4.01 -13.08
CA PHE A 368 -7.86 -5.27 -13.38
C PHE A 368 -8.80 -5.14 -14.56
N ASP A 369 -9.12 -6.29 -15.14
CA ASP A 369 -10.10 -6.41 -16.21
C ASP A 369 -11.45 -6.90 -15.72
N LYS A 370 -11.49 -7.73 -14.66
CA LYS A 370 -12.74 -8.29 -14.13
C LYS A 370 -12.62 -8.41 -12.61
N ILE A 371 -13.19 -7.45 -11.87
CA ILE A 371 -13.18 -7.41 -10.40
C ILE A 371 -14.53 -7.75 -9.79
N ILE A 372 -14.53 -8.37 -8.60
CA ILE A 372 -15.73 -8.33 -7.75
C ILE A 372 -15.68 -7.70 -6.35
N ILE A 373 -16.49 -6.68 -6.16
CA ILE A 373 -16.39 -5.73 -5.08
C ILE A 373 -17.50 -6.03 -4.09
N HIS A 374 -17.21 -5.79 -2.80
CA HIS A 374 -18.09 -6.11 -1.67
C HIS A 374 -18.09 -4.89 -0.76
N VAL A 375 -18.92 -3.92 -1.10
CA VAL A 375 -18.81 -2.58 -0.56
C VAL A 375 -20.05 -2.16 0.23
N SER A 376 -20.93 -3.11 0.58
CA SER A 376 -22.13 -2.74 1.31
C SER A 376 -21.81 -2.11 2.66
N HIS A 377 -20.61 -2.35 3.20
CA HIS A 377 -20.24 -1.81 4.50
C HIS A 377 -18.94 -1.01 4.44
N THR A 378 -18.85 -0.02 3.57
CA THR A 378 -17.64 0.80 3.50
C THR A 378 -17.55 1.73 4.70
N PHE A 379 -16.32 2.17 5.00
CA PHE A 379 -16.07 2.99 6.18
C PHE A 379 -14.91 3.97 6.00
N CYS A 380 -14.18 3.86 4.92
CA CYS A 380 -13.11 4.82 4.76
C CYS A 380 -13.41 5.77 3.60
N PRO A 381 -12.98 7.02 3.69
CA PRO A 381 -13.11 7.92 2.54
C PRO A 381 -12.33 7.38 1.35
N GLY A 382 -12.90 7.56 0.16
CA GLY A 382 -12.31 7.04 -1.05
C GLY A 382 -12.18 5.53 -1.10
N GLN A 383 -12.85 4.80 -0.20
CA GLN A 383 -12.74 3.35 -0.24
C GLN A 383 -13.56 2.76 -1.38
N LEU A 384 -14.80 3.21 -1.50
CA LEU A 384 -15.58 2.85 -2.68
C LEU A 384 -14.86 3.29 -3.93
N TYR A 385 -14.37 4.53 -3.94
CA TYR A 385 -13.74 5.07 -5.13
C TYR A 385 -12.55 4.22 -5.57
N VAL A 386 -11.69 3.80 -4.65
CA VAL A 386 -10.62 2.88 -5.02
C VAL A 386 -11.21 1.59 -5.56
N ALA A 387 -12.19 1.02 -4.84
CA ALA A 387 -12.64 -0.34 -5.13
C ALA A 387 -13.19 -0.47 -6.54
N LEU A 388 -13.80 0.57 -7.09
CA LEU A 388 -14.37 0.42 -8.41
C LEU A 388 -13.63 1.20 -9.49
N SER A 389 -12.54 1.88 -9.16
CA SER A 389 -11.69 2.45 -10.19
C SER A 389 -10.56 1.51 -10.56
N ARG A 390 -10.56 0.29 -10.01
CA ARG A 390 -9.52 -0.66 -10.36
C ARG A 390 -9.70 -1.24 -11.76
N CYS A 391 -10.92 -1.19 -12.29
CA CYS A 391 -11.26 -1.90 -13.52
C CYS A 391 -11.21 -0.99 -14.73
N ARG A 392 -10.77 -1.56 -15.87
CA ARG A 392 -10.62 -0.78 -17.09
C ARG A 392 -11.96 -0.47 -17.74
N THR A 393 -12.95 -1.33 -17.52
CA THR A 393 -14.25 -1.26 -18.16
C THR A 393 -15.28 -1.66 -17.12
N LEU A 394 -16.53 -1.21 -17.29
CA LEU A 394 -17.54 -1.51 -16.27
C LEU A 394 -18.09 -2.88 -16.51
N GLU A 395 -18.38 -3.19 -17.79
CA GLU A 395 -18.69 -4.53 -18.27
C GLU A 395 -17.98 -5.57 -17.43
N GLY A 396 -16.79 -5.27 -16.93
CA GLY A 396 -16.07 -6.22 -16.11
C GLY A 396 -16.12 -6.10 -14.60
N ILE A 397 -17.13 -5.44 -14.02
CA ILE A 397 -17.18 -5.37 -12.57
C ILE A 397 -18.55 -5.81 -12.06
N VAL A 398 -18.50 -6.57 -10.96
CA VAL A 398 -19.66 -7.09 -10.26
C VAL A 398 -19.68 -6.44 -8.88
N SER A 399 -20.87 -6.42 -8.26
CA SER A 399 -21.06 -5.73 -6.99
C SER A 399 -21.95 -6.58 -6.08
N ASP A 400 -21.63 -6.59 -4.79
CA ASP A 400 -22.44 -7.33 -3.82
C ASP A 400 -23.71 -6.58 -3.42
N ALA A 401 -23.79 -5.28 -3.70
CA ALA A 401 -24.97 -4.48 -3.43
C ALA A 401 -24.95 -3.26 -4.34
N PHE A 402 -26.07 -2.55 -4.40
CA PHE A 402 -26.14 -1.34 -5.20
C PHE A 402 -25.22 -0.27 -4.63
N ILE A 403 -24.68 0.56 -5.53
CA ILE A 403 -23.76 1.64 -5.17
C ILE A 403 -24.61 2.82 -4.73
N THR A 404 -24.67 3.02 -3.41
CA THR A 404 -25.45 4.10 -2.82
C THR A 404 -24.53 5.22 -2.38
N LYS A 405 -25.12 6.40 -2.15
CA LYS A 405 -24.32 7.54 -1.75
C LYS A 405 -23.84 7.41 -0.31
N GLN A 406 -24.52 6.61 0.53
CA GLN A 406 -24.05 6.29 1.87
C GLN A 406 -22.67 5.65 1.87
N MET A 407 -22.15 5.22 0.73
CA MET A 407 -20.81 4.69 0.65
C MET A 407 -19.74 5.76 0.49
N ILE A 408 -20.14 6.99 0.18
CA ILE A 408 -19.20 8.09 -0.01
C ILE A 408 -19.07 8.87 1.29
N ILE A 409 -17.84 8.99 1.77
CA ILE A 409 -17.54 9.68 3.03
C ILE A 409 -16.53 10.78 2.77
N PRO A 410 -16.94 12.05 2.81
CA PRO A 410 -16.03 13.13 2.48
C PRO A 410 -15.08 13.47 3.61
N GLU A 411 -13.86 13.85 3.24
CA GLU A 411 -12.85 14.33 4.18
C GLU A 411 -12.53 15.78 3.84
N TYR A 412 -13.02 16.71 4.65
CA TYR A 412 -12.87 18.11 4.33
C TYR A 412 -11.47 18.63 4.62
N ALA A 413 -10.67 17.90 5.41
CA ALA A 413 -9.25 18.20 5.49
C ALA A 413 -8.59 18.20 4.12
N LEU A 414 -9.15 17.45 3.18
CA LEU A 414 -8.55 17.32 1.85
C LEU A 414 -8.89 18.50 0.96
N ILE A 415 -10.06 19.11 1.14
CA ILE A 415 -10.38 20.30 0.37
C ILE A 415 -9.52 21.46 0.82
N ASP A 416 -9.33 21.62 2.14
CA ASP A 416 -8.46 22.66 2.66
C ASP A 416 -7.05 22.53 2.11
N PHE A 417 -6.56 21.29 1.98
CA PHE A 417 -5.19 21.09 1.55
C PHE A 417 -5.02 21.47 0.08
N GLU A 418 -6.01 21.19 -0.76
CA GLU A 418 -5.94 21.69 -2.13
C GLU A 418 -5.97 23.20 -2.16
N ARG A 419 -6.84 23.82 -1.37
CA ARG A 419 -6.91 25.27 -1.30
C ARG A 419 -5.56 25.87 -0.93
N ALA A 420 -4.94 25.32 0.10
CA ALA A 420 -3.67 25.87 0.57
C ALA A 420 -2.61 25.84 -0.53
N TYR A 421 -2.45 24.70 -1.20
CA TYR A 421 -1.36 24.66 -2.16
C TYR A 421 -1.75 25.28 -3.50
N LYS A 422 -3.01 25.13 -3.92
CA LYS A 422 -3.41 25.68 -5.21
C LYS A 422 -3.37 27.19 -5.21
N SER A 423 -3.60 27.83 -4.06
CA SER A 423 -3.51 29.28 -4.02
C SER A 423 -2.09 29.79 -3.85
N GLU A 424 -1.17 28.98 -3.35
CA GLU A 424 0.24 29.37 -3.16
C GLU A 424 1.15 28.75 -4.21
N GLY A 425 0.80 28.89 -5.48
CA GLY A 425 1.70 28.46 -6.53
C GLY A 425 2.06 26.99 -6.52
N ASN A 426 1.12 26.13 -6.10
CA ASN A 426 1.26 24.68 -6.15
C ASN A 426 2.46 24.19 -5.34
N TYR A 427 2.69 24.82 -4.20
CA TYR A 427 3.74 24.41 -3.29
C TYR A 427 3.15 24.24 -1.90
N TYR A 428 3.87 23.50 -1.06
CA TYR A 428 3.41 23.30 0.31
C TYR A 428 4.61 23.02 1.21
N GLY A 429 4.61 23.65 2.38
CA GLY A 429 5.74 23.55 3.28
C GLY A 429 6.67 24.73 3.16
N LYS A 430 7.74 24.69 3.95
CA LYS A 430 8.75 25.74 3.91
C LYS A 430 9.47 25.74 2.57
N ARG A 431 9.56 26.91 1.95
CA ARG A 431 10.29 27.08 0.71
C ARG A 431 11.74 27.42 1.02
N LEU A 432 12.63 27.06 0.10
CA LEU A 432 14.05 27.44 0.19
C LEU A 432 14.60 27.82 -1.18
#